data_8GB6
#
_entry.id   8GB6
#
_cell.length_a   72.651
_cell.length_b   78.828
_cell.length_c   131.808
_cell.angle_alpha   90.00
_cell.angle_beta   90.00
_cell.angle_gamma   90.00
#
_symmetry.space_group_name_H-M   'P 21 21 21'
#
loop_
_entity.id
_entity.type
_entity.pdbx_description
1 polymer 'Spike protein S1'
2 polymer '21B6 Heavy chain'
3 polymer '21B6 Light chain'
4 branched 2-acetamido-2-deoxy-beta-D-glucopyranose-(1-4)-[alpha-L-fucopyranose-(1-6)]2-acetamido-2-deoxy-beta-D-glucopyranose
5 non-polymer 'SULFATE ION'
6 water water
#
loop_
_entity_poly.entity_id
_entity_poly.type
_entity_poly.pdbx_seq_one_letter_code
_entity_poly.pdbx_strand_id
1 'polypeptide(L)'
;TNLCPFGEVFNATRFASVYAWNRKRISNCVADYSVLYNSASFSTFKCYGVSPTKLNDLCFTNVYADSFVIRGDEVRQIAP
GQTGKIADYNYKLPDDFTGCVIAWNSNNLDSKVGGNYNYLYRLFRKSNLKPFERDISTEIYQAGSTPCNGVEGFNCYFPL
QSYGFQPTNGVGYQPYRVVVLSFELLHAPATVCGPKKSGHHHHHH
;
A
2 'polypeptide(L)'
;EVRLVESGGGLVQPGGSLRLSCAASGFTFSDYYISWVRQAPGRGPEWVGFIRNVLYRGTTEYAPSVKGRFIISRDDSRAI
ASLQMNGLKADDTAVYYCALGASGTDRDWFDVWGPGVLVTVSSASTKGPSVFPLAPSSKSTSGGTAALGCLVKDYFPEPV
TVSWNSGALTSGVHTFPAVLQSSGLYSLSSVVTVPSSSLGTQTYICNVNHKPSNTKVDKKVEPKSC
;
H
3 'polypeptide(L)'
;DIQMTQSPSSLSASVGDTVTITCRASQDISNSLAWYQQKPGKAPKALIYYASNLESGVPSRFSGSGSGTDFTLTISSLQP
EDFATYYCQQHNNYPFTFGPGTKVDIKRTVAAPSVFIFPPSDEQLKSGTASVVCLLNNFYPREAKVQWKVDNALQSGNSQ
ESVTEQDSKDSTYSLSSTLTLSKADYEKHKVYACEVTHQGLSSPVTKSFNRGEC
;
L
#
# COMPACT_ATOMS: atom_id res chain seq x y z
N THR A 1 29.57 -10.43 -2.17
CA THR A 1 29.87 -9.11 -1.65
C THR A 1 29.93 -9.11 -0.12
N ASN A 2 29.03 -9.87 0.51
CA ASN A 2 28.93 -9.97 1.98
C ASN A 2 28.81 -8.59 2.63
N LEU A 3 28.09 -7.69 1.96
CA LEU A 3 28.05 -6.30 2.39
C LEU A 3 27.16 -6.13 3.61
N CYS A 4 27.71 -5.52 4.66
CA CYS A 4 26.96 -5.24 5.87
C CYS A 4 25.75 -4.37 5.54
N PRO A 5 24.60 -4.67 6.07
CA PRO A 5 23.36 -3.93 5.77
C PRO A 5 23.20 -2.54 6.43
N PHE A 6 24.20 -1.67 6.27
CA PHE A 6 24.03 -0.30 6.82
C PHE A 6 22.92 0.47 6.10
N GLY A 7 22.65 0.13 4.84
CA GLY A 7 21.58 0.80 4.12
C GLY A 7 20.24 0.66 4.82
N GLU A 8 19.96 -0.52 5.41
CA GLU A 8 18.64 -0.66 6.00
C GLU A 8 18.49 0.12 7.31
N VAL A 9 19.59 0.40 8.00
CA VAL A 9 19.54 1.28 9.18
C VAL A 9 19.43 2.73 8.75
N PHE A 10 20.42 3.22 7.99
CA PHE A 10 20.48 4.65 7.66
C PHE A 10 19.37 5.10 6.71
N ASN A 11 18.87 4.23 5.83
CA ASN A 11 17.83 4.65 4.90
C ASN A 11 16.46 4.09 5.29
N ALA A 12 16.32 3.68 6.55
CA ALA A 12 15.03 3.17 6.99
C ALA A 12 13.98 4.24 6.75
N THR A 13 12.76 3.80 6.38
CA THR A 13 11.70 4.75 6.07
C THR A 13 11.37 5.65 7.28
N ARG A 14 11.21 5.04 8.43
CA ARG A 14 10.95 5.79 9.67
C ARG A 14 11.87 5.31 10.75
N PHE A 15 12.21 6.22 11.70
CA PHE A 15 13.04 5.89 12.83
C PHE A 15 12.19 5.78 14.09
N ALA A 16 12.74 5.14 15.12
CA ALA A 16 12.03 4.94 16.37
C ALA A 16 11.93 6.26 17.17
N SER A 17 10.91 6.36 18.01
CA SER A 17 11.00 7.34 19.12
C SER A 17 12.21 7.03 20.00
N VAL A 18 12.82 8.08 20.56
CA VAL A 18 14.09 7.90 21.29
C VAL A 18 13.90 7.08 22.56
N TYR A 19 12.79 7.24 23.29
CA TYR A 19 12.67 6.43 24.52
C TYR A 19 12.64 4.95 24.16
N ALA A 20 12.15 4.61 22.95
CA ALA A 20 12.05 3.24 22.49
C ALA A 20 13.08 2.95 21.39
N TRP A 21 14.29 3.49 21.57
CA TRP A 21 15.30 3.45 20.52
C TRP A 21 15.55 2.04 19.98
N ASN A 22 15.76 1.96 18.67
CA ASN A 22 15.97 0.69 17.99
C ASN A 22 17.44 0.31 18.05
N ARG A 23 17.71 -1.00 18.19
CA ARG A 23 19.05 -1.53 18.05
C ARG A 23 19.06 -2.61 17.00
N LYS A 24 20.00 -2.50 16.07
CA LYS A 24 20.23 -3.53 15.04
C LYS A 24 21.64 -4.08 15.27
N ARG A 25 21.74 -5.40 15.38
CA ARG A 25 23.03 -6.06 15.50
C ARG A 25 23.54 -6.40 14.10
N ILE A 26 24.80 -6.08 13.86
CA ILE A 26 25.45 -6.26 12.56
C ILE A 26 26.60 -7.23 12.76
N SER A 27 26.64 -8.27 11.92
CA SER A 27 27.56 -9.38 12.14
C SER A 27 27.85 -10.06 10.81
N ASN A 28 29.00 -10.74 10.75
CA ASN A 28 29.30 -11.66 9.65
C ASN A 28 29.10 -10.97 8.30
N CYS A 29 29.87 -9.90 8.09
CA CYS A 29 29.74 -9.14 6.87
C CYS A 29 30.96 -8.23 6.74
N VAL A 30 31.13 -7.72 5.53
CA VAL A 30 32.15 -6.75 5.20
C VAL A 30 31.46 -5.38 5.17
N ALA A 31 32.03 -4.43 5.90
CA ALA A 31 31.39 -3.16 6.25
C ALA A 31 32.00 -2.04 5.42
N ASP A 32 31.23 -1.53 4.46
CA ASP A 32 31.71 -0.45 3.60
C ASP A 32 31.51 0.89 4.32
N TYR A 33 32.49 1.27 5.14
CA TYR A 33 32.40 2.51 5.89
C TYR A 33 32.54 3.75 5.01
N SER A 34 33.10 3.59 3.81
CA SER A 34 33.29 4.72 2.91
C SER A 34 31.97 5.36 2.51
N VAL A 35 30.92 4.57 2.31
CA VAL A 35 29.65 5.17 1.98
C VAL A 35 29.17 6.04 3.13
N LEU A 36 29.64 5.80 4.37
CA LEU A 36 29.22 6.67 5.46
C LEU A 36 30.05 7.96 5.48
N TYR A 37 31.38 7.86 5.62
CA TYR A 37 32.15 9.08 5.80
C TYR A 37 32.19 9.92 4.53
N ASN A 38 31.91 9.31 3.35
CA ASN A 38 31.83 10.11 2.13
C ASN A 38 30.44 10.70 1.89
N SER A 39 29.46 10.36 2.72
CA SER A 39 28.11 10.87 2.51
C SER A 39 28.11 12.38 2.72
N ALA A 40 27.42 13.11 1.86
CA ALA A 40 27.36 14.57 2.11
C ALA A 40 26.12 14.97 2.90
N SER A 41 25.26 14.00 3.24
CA SER A 41 23.98 14.23 3.93
C SER A 41 24.10 14.53 5.43
N PHE A 42 25.12 13.99 6.10
CA PHE A 42 25.12 14.01 7.55
C PHE A 42 25.56 15.38 8.05
N SER A 43 24.88 15.87 9.06
CA SER A 43 25.36 17.09 9.65
C SER A 43 26.21 16.81 10.88
N THR A 44 26.08 15.60 11.45
CA THR A 44 26.91 15.17 12.57
C THR A 44 27.57 13.85 12.18
N PHE A 45 28.88 13.73 12.42
CA PHE A 45 29.58 12.45 12.25
C PHE A 45 30.81 12.52 13.16
N LYS A 46 30.66 12.05 14.38
CA LYS A 46 31.69 12.22 15.40
C LYS A 46 32.06 10.85 15.92
N CYS A 47 33.37 10.50 15.89
CA CYS A 47 33.78 9.19 16.35
C CYS A 47 34.71 9.32 17.53
N TYR A 48 34.68 8.30 18.37
CA TYR A 48 35.36 8.23 19.64
C TYR A 48 36.14 6.92 19.62
N GLY A 49 37.47 6.98 19.54
CA GLY A 49 38.28 5.78 19.68
C GLY A 49 38.50 5.02 18.39
N VAL A 50 37.92 5.49 17.30
CA VAL A 50 38.16 4.93 15.98
C VAL A 50 38.07 6.10 14.99
N SER A 51 38.31 5.82 13.71
CA SER A 51 38.12 6.81 12.69
C SER A 51 37.46 6.07 11.57
N PRO A 52 36.52 6.68 10.89
CA PRO A 52 35.79 5.93 9.87
C PRO A 52 36.72 5.39 8.76
N THR A 53 37.77 6.10 8.40
CA THR A 53 38.69 5.59 7.39
C THR A 53 39.44 4.38 7.93
N LYS A 54 40.01 4.52 9.12
CA LYS A 54 40.66 3.36 9.73
C LYS A 54 39.69 2.55 10.59
N LEU A 55 38.55 2.26 9.93
CA LEU A 55 37.68 1.14 10.21
C LEU A 55 37.67 0.15 9.05
N ASN A 56 38.10 0.58 7.85
CA ASN A 56 38.12 -0.35 6.72
C ASN A 56 39.19 -1.44 6.87
N ASP A 57 40.08 -1.33 7.88
CA ASP A 57 41.14 -2.29 8.19
C ASP A 57 41.06 -2.71 9.68
N LEU A 58 39.84 -2.95 10.17
CA LEU A 58 39.61 -3.44 11.53
C LEU A 58 38.48 -4.46 11.51
N CYS A 59 38.51 -5.38 12.48
CA CYS A 59 37.46 -6.38 12.61
C CYS A 59 36.95 -6.36 14.05
N PHE A 60 35.64 -6.57 14.24
CA PHE A 60 34.99 -6.55 15.55
C PHE A 60 34.12 -7.78 15.69
N THR A 61 33.87 -8.19 16.94
CA THR A 61 32.96 -9.30 17.20
C THR A 61 31.56 -8.96 16.71
N ASN A 62 31.04 -7.81 17.13
CA ASN A 62 29.76 -7.32 16.62
C ASN A 62 29.83 -5.81 16.42
N VAL A 63 28.91 -5.29 15.60
CA VAL A 63 28.67 -3.85 15.52
C VAL A 63 27.20 -3.60 15.82
N TYR A 64 26.91 -2.65 16.71
CA TYR A 64 25.52 -2.33 17.03
C TYR A 64 25.20 -0.98 16.42
N ALA A 65 24.05 -0.88 15.73
CA ALA A 65 23.56 0.39 15.19
C ALA A 65 22.27 0.75 15.92
N ASP A 66 22.29 1.81 16.71
CA ASP A 66 21.12 2.25 17.45
C ASP A 66 20.55 3.49 16.77
N SER A 67 19.24 3.58 16.62
CA SER A 67 18.71 4.69 15.84
C SER A 67 17.40 5.19 16.44
N PHE A 68 17.17 6.48 16.25
CA PHE A 68 16.04 7.19 16.88
C PHE A 68 15.96 8.63 16.37
N VAL A 69 14.87 9.31 16.74
CA VAL A 69 14.63 10.72 16.42
C VAL A 69 14.64 11.55 17.73
N ILE A 70 15.32 12.70 17.68
CA ILE A 70 15.29 13.71 18.77
C ILE A 70 15.26 15.09 18.11
N ARG A 71 15.11 16.15 18.91
CA ARG A 71 15.18 17.44 18.26
C ARG A 71 16.61 17.92 18.15
N GLY A 72 16.84 18.89 17.24
CA GLY A 72 18.20 19.29 16.88
C GLY A 72 19.03 19.73 18.08
N ASP A 73 18.39 20.44 19.01
CA ASP A 73 19.19 20.98 20.11
C ASP A 73 19.53 19.92 21.14
N GLU A 74 19.06 18.67 20.93
CA GLU A 74 19.41 17.54 21.81
C GLU A 74 20.50 16.66 21.23
N VAL A 75 20.88 16.90 19.97
CA VAL A 75 21.87 16.02 19.34
C VAL A 75 23.17 16.01 20.16
N ARG A 76 23.55 17.17 20.70
CA ARG A 76 24.76 17.24 21.53
C ARG A 76 24.71 16.29 22.74
N GLN A 77 23.52 15.96 23.25
CA GLN A 77 23.39 14.99 24.33
C GLN A 77 23.77 13.56 23.93
N ILE A 78 23.88 13.25 22.65
CA ILE A 78 24.30 11.88 22.22
C ILE A 78 25.82 11.93 22.12
N ALA A 79 26.44 11.85 23.26
CA ALA A 79 27.87 12.00 23.41
C ALA A 79 28.21 11.54 24.83
N PRO A 80 29.40 10.98 25.04
CA PRO A 80 29.81 10.65 26.42
C PRO A 80 29.86 11.91 27.25
N GLY A 81 29.48 11.76 28.52
CA GLY A 81 29.65 12.82 29.50
C GLY A 81 28.64 13.95 29.40
N GLN A 82 27.44 13.68 28.90
CA GLN A 82 26.43 14.71 28.70
C GLN A 82 25.36 14.60 29.78
N THR A 83 24.68 15.73 30.02
CA THR A 83 23.51 15.79 30.87
C THR A 83 22.33 16.37 30.07
N GLY A 84 21.11 16.17 30.58
CA GLY A 84 19.93 16.57 29.81
C GLY A 84 18.89 15.46 29.78
N LYS A 85 17.69 15.83 29.28
CA LYS A 85 16.62 14.85 29.40
C LYS A 85 16.91 13.62 28.54
N ILE A 86 17.63 13.80 27.43
CA ILE A 86 17.85 12.66 26.53
C ILE A 86 18.94 11.77 27.10
N ALA A 87 20.10 12.37 27.48
CA ALA A 87 21.17 11.57 28.07
C ALA A 87 20.71 10.95 29.39
N ASP A 88 19.89 11.66 30.17
CA ASP A 88 19.56 11.12 31.49
C ASP A 88 18.45 10.10 31.44
N TYR A 89 17.42 10.33 30.58
CA TYR A 89 16.24 9.51 30.70
C TYR A 89 15.91 8.70 29.45
N ASN A 90 16.67 8.84 28.35
CA ASN A 90 16.28 8.17 27.08
C ASN A 90 17.40 7.30 26.47
N TYR A 91 18.58 7.85 26.28
CA TYR A 91 19.68 7.14 25.63
C TYR A 91 21.00 7.66 26.19
N LYS A 92 21.81 6.77 26.76
CA LYS A 92 22.98 7.18 27.57
C LYS A 92 24.21 6.48 26.99
N LEU A 93 25.21 7.29 26.59
CA LEU A 93 26.45 6.66 26.21
C LEU A 93 27.38 6.54 27.42
N PRO A 94 28.24 5.52 27.45
CA PRO A 94 29.22 5.44 28.55
C PRO A 94 30.35 6.45 28.42
N ASP A 95 31.00 6.75 29.57
CA ASP A 95 32.10 7.72 29.57
C ASP A 95 33.23 7.31 28.63
N ASP A 96 33.49 5.99 28.49
CA ASP A 96 34.61 5.49 27.70
C ASP A 96 34.18 4.96 26.33
N PHE A 97 33.15 5.58 25.76
CA PHE A 97 32.53 5.11 24.52
C PHE A 97 33.52 4.97 23.36
N THR A 98 33.42 3.85 22.63
CA THR A 98 34.11 3.57 21.37
C THR A 98 33.06 3.42 20.27
N GLY A 99 33.05 4.34 19.31
CA GLY A 99 31.94 4.32 18.38
C GLY A 99 31.78 5.66 17.69
N CYS A 100 30.72 5.75 16.90
CA CYS A 100 30.47 6.96 16.11
C CYS A 100 29.02 7.36 16.28
N VAL A 101 28.76 8.65 16.23
CA VAL A 101 27.42 9.21 16.35
C VAL A 101 27.18 10.02 15.10
N ILE A 102 26.12 9.67 14.37
CA ILE A 102 25.85 10.28 13.08
C ILE A 102 24.44 10.86 13.13
N ALA A 103 24.25 12.03 12.55
CA ALA A 103 22.89 12.57 12.60
C ALA A 103 22.67 13.46 11.41
N TRP A 104 21.39 13.65 11.09
CA TRP A 104 21.01 14.53 9.98
C TRP A 104 19.60 15.07 10.18
N ASN A 105 19.32 16.21 9.55
CA ASN A 105 18.05 16.90 9.76
C ASN A 105 16.96 16.18 8.97
N SER A 106 15.84 15.87 9.63
CA SER A 106 14.76 15.14 8.94
C SER A 106 13.45 15.90 8.95
N ASN A 107 13.56 17.23 8.97
CA ASN A 107 12.39 18.11 8.96
C ASN A 107 11.45 17.77 7.83
N ASN A 108 12.00 17.44 6.63
CA ASN A 108 11.17 17.17 5.44
C ASN A 108 10.30 15.93 5.60
N LEU A 109 10.71 14.98 6.44
CA LEU A 109 10.01 13.71 6.59
C LEU A 109 9.22 13.64 7.87
N ASP A 110 9.78 14.18 8.96
CA ASP A 110 9.25 13.87 10.27
C ASP A 110 8.47 15.03 10.91
N SER A 111 8.42 16.20 10.30
CA SER A 111 7.57 17.29 10.79
C SER A 111 6.29 17.36 9.95
N LYS A 112 5.25 17.94 10.52
CA LYS A 112 3.96 18.14 9.86
C LYS A 112 3.42 19.51 10.25
N VAL A 113 2.81 20.22 9.30
CA VAL A 113 2.08 21.43 9.67
C VAL A 113 1.02 21.06 10.67
N GLY A 114 0.93 21.84 11.79
CA GLY A 114 0.01 21.52 12.85
C GLY A 114 0.63 20.63 13.91
N GLY A 115 1.78 20.04 13.62
CA GLY A 115 2.48 19.20 14.56
C GLY A 115 2.47 17.73 14.20
N ASN A 116 3.64 17.05 14.26
CA ASN A 116 3.67 15.59 14.27
C ASN A 116 3.86 15.12 15.71
N TYR A 117 2.78 14.60 16.30
CA TYR A 117 2.85 14.19 17.70
C TYR A 117 3.18 12.72 17.87
N ASN A 118 3.61 12.05 16.79
CA ASN A 118 3.95 10.63 16.87
C ASN A 118 5.36 10.32 17.40
N TYR A 119 6.21 11.34 17.60
CA TYR A 119 7.56 11.15 18.12
C TYR A 119 7.56 11.59 19.56
N LEU A 120 8.02 10.73 20.46
CA LEU A 120 7.92 10.97 21.90
C LEU A 120 9.30 10.88 22.56
N TYR A 121 9.43 11.45 23.75
CA TYR A 121 10.63 11.21 24.57
C TYR A 121 10.21 11.14 26.03
N ARG A 122 11.03 10.47 26.86
CA ARG A 122 10.76 10.40 28.29
C ARG A 122 11.23 11.69 28.95
N LEU A 123 10.29 12.41 29.58
CA LEU A 123 10.55 13.70 30.23
C LEU A 123 10.77 13.57 31.73
N PHE A 124 10.24 12.52 32.36
CA PHE A 124 10.30 12.35 33.82
C PHE A 124 10.82 10.96 34.12
N ARG A 125 11.72 10.82 35.12
CA ARG A 125 12.16 9.50 35.56
C ARG A 125 12.77 9.69 36.94
N LYS A 126 12.73 8.64 37.76
CA LYS A 126 13.24 8.74 39.14
C LYS A 126 14.77 8.78 39.21
N SER A 127 15.44 8.19 38.23
CA SER A 127 16.88 8.16 38.21
C SER A 127 17.36 8.16 36.79
N ASN A 128 18.67 8.39 36.61
CA ASN A 128 19.27 8.36 35.31
C ASN A 128 19.48 6.92 34.80
N LEU A 129 19.36 6.77 33.48
CA LEU A 129 19.73 5.52 32.82
C LEU A 129 21.21 5.22 33.00
N LYS A 130 21.51 3.93 33.13
CA LYS A 130 22.84 3.38 32.86
C LYS A 130 23.14 3.39 31.34
N PRO A 131 24.41 3.32 30.97
CA PRO A 131 24.73 3.35 29.55
C PRO A 131 24.06 2.20 28.80
N PHE A 132 23.50 2.55 27.64
CA PHE A 132 22.85 1.60 26.73
C PHE A 132 21.62 0.93 27.34
N GLU A 133 21.08 1.49 28.42
CA GLU A 133 19.78 1.05 28.94
C GLU A 133 18.63 1.58 28.10
N ARG A 134 17.55 0.79 28.01
CA ARG A 134 16.29 1.22 27.39
C ARG A 134 15.13 1.08 28.37
N ASP A 135 14.33 2.16 28.52
CA ASP A 135 13.14 2.17 29.40
C ASP A 135 11.91 2.47 28.53
N ILE A 136 11.02 1.48 28.34
CA ILE A 136 9.79 1.69 27.58
C ILE A 136 8.56 1.60 28.48
N SER A 137 8.75 1.72 29.79
CA SER A 137 7.62 1.63 30.70
C SER A 137 6.81 2.92 30.65
N THR A 138 5.54 2.81 31.05
CA THR A 138 4.69 4.00 30.99
C THR A 138 3.98 4.23 32.32
N GLU A 139 4.68 3.99 33.43
CA GLU A 139 4.09 4.26 34.73
C GLU A 139 3.99 5.76 35.03
N ILE A 140 2.90 6.15 35.68
CA ILE A 140 2.67 7.55 36.04
C ILE A 140 3.77 7.99 37.00
N TYR A 141 4.31 9.17 36.75
CA TYR A 141 5.40 9.73 37.54
C TYR A 141 4.82 10.55 38.70
N GLN A 142 5.14 10.15 39.93
CA GLN A 142 4.72 10.93 41.10
C GLN A 142 5.66 12.11 41.31
N ALA A 143 5.19 13.33 41.04
CA ALA A 143 6.01 14.52 41.21
C ALA A 143 5.77 15.21 42.56
N GLY A 144 4.74 14.80 43.29
CA GLY A 144 4.43 15.41 44.58
C GLY A 144 4.38 14.39 45.70
N SER A 145 3.85 14.79 46.88
CA SER A 145 3.81 13.86 48.01
C SER A 145 2.59 12.98 48.02
N THR A 146 1.52 13.35 47.34
CA THR A 146 0.41 12.41 47.28
C THR A 146 0.71 11.31 46.27
N PRO A 147 0.54 10.04 46.62
CA PRO A 147 0.75 8.98 45.64
C PRO A 147 -0.29 9.10 44.56
N CYS A 148 -0.04 8.41 43.44
CA CYS A 148 -0.89 8.54 42.28
C CYS A 148 -1.73 7.33 41.89
N ASN A 149 -1.44 6.13 42.42
CA ASN A 149 -2.19 4.93 42.02
C ASN A 149 -2.37 4.86 40.51
N GLY A 150 -1.33 5.25 39.79
CA GLY A 150 -1.28 5.14 38.35
C GLY A 150 -2.35 5.79 37.49
N VAL A 151 -2.81 7.02 37.74
CA VAL A 151 -3.98 7.52 37.03
C VAL A 151 -3.65 8.61 35.99
N GLU A 152 -2.79 9.58 36.29
CA GLU A 152 -2.54 10.89 35.62
C GLU A 152 -3.43 11.99 36.19
N GLY A 153 -2.82 13.12 36.58
CA GLY A 153 -3.56 14.18 37.23
C GLY A 153 -2.57 15.20 37.77
N PHE A 154 -3.05 16.05 38.67
CA PHE A 154 -2.18 17.08 39.26
C PHE A 154 -0.95 16.45 39.94
N ASN A 155 0.25 16.90 39.55
CA ASN A 155 1.51 16.34 40.06
C ASN A 155 1.68 14.85 39.75
N CYS A 156 0.98 14.32 38.76
CA CYS A 156 1.01 12.88 38.52
C CYS A 156 1.11 12.78 37.00
N TYR A 157 2.34 12.71 36.51
CA TYR A 157 2.56 12.95 35.10
C TYR A 157 2.69 11.70 34.27
N PHE A 158 2.09 11.74 33.08
CA PHE A 158 2.47 10.74 32.10
C PHE A 158 3.94 10.94 31.76
N PRO A 159 4.75 9.90 31.76
CA PRO A 159 6.21 10.14 31.71
C PRO A 159 6.73 10.54 30.35
N LEU A 160 5.99 10.23 29.28
CA LEU A 160 6.42 10.54 27.91
C LEU A 160 5.76 11.82 27.40
N GLN A 161 6.51 12.60 26.63
CA GLN A 161 6.10 13.88 26.06
C GLN A 161 6.23 13.78 24.57
N SER A 162 5.27 14.38 23.84
CA SER A 162 5.36 14.47 22.40
C SER A 162 6.23 15.65 21.96
N TYR A 163 7.01 15.44 20.89
CA TYR A 163 7.73 16.57 20.35
C TYR A 163 6.84 17.50 19.54
N GLY A 164 5.80 16.99 18.88
CA GLY A 164 4.98 17.90 18.10
C GLY A 164 5.70 18.64 16.99
N PHE A 165 6.60 17.98 16.27
CA PHE A 165 7.46 18.65 15.29
C PHE A 165 6.64 19.35 14.22
N GLN A 166 6.94 20.65 13.98
CA GLN A 166 6.42 21.48 12.88
C GLN A 166 7.55 21.98 11.98
N PRO A 167 7.32 22.06 10.68
CA PRO A 167 8.42 22.39 9.75
C PRO A 167 8.92 23.81 9.89
N THR A 168 8.12 24.69 10.47
CA THR A 168 8.50 26.08 10.72
C THR A 168 9.23 26.25 12.03
N ASN A 169 9.43 25.19 12.81
CA ASN A 169 10.22 25.31 14.03
C ASN A 169 11.61 25.82 13.66
N GLY A 170 12.24 26.53 14.59
CA GLY A 170 13.67 26.75 14.48
C GLY A 170 14.41 25.42 14.46
N VAL A 171 15.61 25.43 13.86
CA VAL A 171 16.32 24.17 13.67
C VAL A 171 16.57 23.45 14.98
N GLY A 172 16.74 24.18 16.11
CA GLY A 172 16.92 23.54 17.39
C GLY A 172 15.75 22.66 17.78
N TYR A 173 14.56 22.94 17.24
CA TYR A 173 13.36 22.20 17.56
C TYR A 173 12.86 21.35 16.40
N GLN A 174 13.63 21.26 15.30
CA GLN A 174 13.30 20.37 14.19
C GLN A 174 13.78 18.95 14.52
N PRO A 175 13.22 17.93 13.86
CA PRO A 175 13.63 16.56 14.12
C PRO A 175 14.96 16.26 13.47
N TYR A 176 15.76 15.42 14.15
CA TYR A 176 17.02 14.90 13.63
C TYR A 176 16.96 13.40 13.76
N ARG A 177 17.34 12.69 12.68
CA ARG A 177 17.55 11.26 12.81
C ARG A 177 19.00 10.98 13.23
N VAL A 178 19.14 10.04 14.16
CA VAL A 178 20.46 9.74 14.76
C VAL A 178 20.73 8.26 14.61
N VAL A 179 21.96 7.93 14.21
CA VAL A 179 22.45 6.55 14.31
C VAL A 179 23.70 6.55 15.15
N VAL A 180 23.78 5.61 16.11
CA VAL A 180 25.00 5.41 16.95
C VAL A 180 25.57 4.03 16.59
N LEU A 181 26.82 4.00 16.15
CA LEU A 181 27.51 2.74 15.87
C LEU A 181 28.43 2.45 17.05
N SER A 182 28.23 1.29 17.68
CA SER A 182 29.09 0.75 18.73
C SER A 182 29.86 -0.44 18.18
N PHE A 183 31.09 -0.60 18.65
CA PHE A 183 31.99 -1.60 18.11
C PHE A 183 32.44 -2.45 19.29
N GLU A 184 32.09 -3.73 19.23
CA GLU A 184 32.23 -4.65 20.34
C GLU A 184 33.28 -5.69 19.96
N LEU A 185 34.30 -5.79 20.82
CA LEU A 185 35.37 -6.77 20.71
C LEU A 185 35.32 -7.62 21.99
N LEU A 186 34.97 -8.87 21.82
CA LEU A 186 34.85 -9.80 22.92
C LEU A 186 35.86 -10.92 22.71
N HIS A 187 35.96 -11.82 23.70
CA HIS A 187 36.78 -12.99 23.47
C HIS A 187 35.85 -13.98 22.77
N ALA A 188 35.85 -13.87 21.44
CA ALA A 188 35.03 -14.57 20.46
C ALA A 188 35.55 -14.16 19.09
N PRO A 189 35.38 -14.96 18.02
CA PRO A 189 35.88 -14.52 16.70
C PRO A 189 35.25 -13.19 16.29
N ALA A 190 36.03 -12.36 15.60
CA ALA A 190 35.57 -11.06 15.12
C ALA A 190 35.04 -11.19 13.69
N THR A 191 33.74 -10.95 13.50
CA THR A 191 33.07 -11.28 12.24
C THR A 191 32.70 -10.08 11.36
N VAL A 192 32.80 -8.85 11.86
CA VAL A 192 32.54 -7.63 11.10
C VAL A 192 33.88 -6.96 10.80
N CYS A 193 34.24 -6.94 9.52
CA CYS A 193 35.53 -6.45 9.04
C CYS A 193 35.31 -5.36 8.00
N GLY A 194 36.16 -4.34 8.03
CA GLY A 194 36.27 -3.44 6.90
C GLY A 194 37.01 -4.11 5.74
N PRO A 195 37.07 -3.46 4.57
CA PRO A 195 37.77 -4.09 3.44
C PRO A 195 39.22 -3.56 3.25
N GLU B 1 11.71 -1.08 6.19
CA GLU B 1 10.58 -0.35 5.57
C GLU B 1 9.44 -0.32 6.59
N VAL B 2 8.51 0.60 6.39
CA VAL B 2 7.29 0.64 7.22
C VAL B 2 6.31 -0.33 6.57
N ARG B 3 5.76 -1.27 7.34
CA ARG B 3 4.91 -2.30 6.80
C ARG B 3 3.67 -2.42 7.69
N LEU B 4 2.48 -2.50 7.06
CA LEU B 4 1.27 -2.85 7.78
C LEU B 4 0.71 -4.08 7.06
N VAL B 5 0.76 -5.23 7.71
CA VAL B 5 0.40 -6.50 7.06
C VAL B 5 -0.96 -6.91 7.59
N GLU B 6 -1.96 -7.00 6.69
CA GLU B 6 -3.32 -7.27 7.13
C GLU B 6 -3.67 -8.74 6.94
N SER B 7 -4.56 -9.20 7.84
CA SER B 7 -5.10 -10.57 7.81
C SER B 7 -6.58 -10.50 8.05
N GLY B 8 -7.29 -11.52 7.58
CA GLY B 8 -8.69 -11.64 7.91
C GLY B 8 -9.63 -11.54 6.71
N GLY B 9 -9.15 -11.17 5.53
CA GLY B 9 -10.02 -11.15 4.34
C GLY B 9 -10.59 -12.51 4.04
N GLY B 10 -11.61 -12.52 3.15
CA GLY B 10 -12.27 -13.77 2.76
C GLY B 10 -13.74 -13.74 3.09
N LEU B 11 -14.37 -14.94 3.04
CA LEU B 11 -15.81 -15.09 3.21
C LEU B 11 -16.18 -15.17 4.69
N VAL B 12 -17.14 -14.36 5.12
CA VAL B 12 -17.68 -14.49 6.49
C VAL B 12 -19.19 -14.45 6.35
N GLN B 13 -19.89 -15.19 7.23
CA GLN B 13 -21.36 -15.37 7.21
C GLN B 13 -22.07 -14.23 7.95
N PRO B 14 -23.18 -13.70 7.42
CA PRO B 14 -23.98 -12.72 8.19
C PRO B 14 -24.35 -13.36 9.52
N GLY B 15 -24.36 -12.58 10.60
CA GLY B 15 -24.60 -13.33 11.83
C GLY B 15 -23.44 -14.23 12.29
N GLY B 16 -22.31 -14.17 11.62
CA GLY B 16 -21.05 -14.67 12.11
C GLY B 16 -20.27 -13.52 12.73
N SER B 17 -18.94 -13.69 12.81
CA SER B 17 -18.12 -12.60 13.34
C SER B 17 -16.71 -12.78 12.79
N LEU B 18 -15.92 -11.71 12.84
CA LEU B 18 -14.67 -11.78 12.09
C LEU B 18 -13.72 -10.78 12.70
N ARG B 19 -12.47 -11.14 12.86
CA ARG B 19 -11.47 -10.18 13.33
C ARG B 19 -10.43 -9.94 12.23
N LEU B 20 -10.23 -8.69 11.88
CA LEU B 20 -9.15 -8.32 10.96
C LEU B 20 -7.97 -7.91 11.85
N SER B 21 -6.77 -8.26 11.42
CA SER B 21 -5.57 -7.95 12.18
C SER B 21 -4.59 -7.20 11.29
N CYS B 22 -3.85 -6.29 11.91
CA CYS B 22 -2.93 -5.35 11.26
C CYS B 22 -1.63 -5.49 12.03
N ALA B 23 -0.59 -6.04 11.41
CA ALA B 23 0.67 -6.33 12.09
C ALA B 23 1.71 -5.35 11.55
N ALA B 24 2.30 -4.55 12.46
CA ALA B 24 3.11 -3.41 12.06
C ALA B 24 4.58 -3.71 12.26
N SER B 25 5.40 -3.12 11.38
CA SER B 25 6.83 -3.12 11.64
C SER B 25 7.46 -1.90 11.02
N GLY B 26 8.63 -1.52 11.53
CA GLY B 26 9.40 -0.44 10.95
C GLY B 26 9.30 0.89 11.69
N PHE B 27 8.62 0.94 12.84
CA PHE B 27 8.41 2.21 13.54
C PHE B 27 7.92 1.85 14.94
N THR B 28 7.84 2.86 15.85
CA THR B 28 7.43 2.59 17.21
C THR B 28 5.91 2.49 17.20
N PHE B 29 5.40 1.26 17.07
CA PHE B 29 3.95 1.07 16.84
C PHE B 29 3.09 1.74 17.92
N SER B 30 3.51 1.65 19.22
CA SER B 30 2.65 2.14 20.27
C SER B 30 2.44 3.66 20.24
N ASP B 31 3.26 4.39 19.51
CA ASP B 31 3.21 5.86 19.45
C ASP B 31 2.26 6.41 18.39
N TYR B 32 1.63 5.53 17.61
CA TYR B 32 0.77 5.95 16.52
C TYR B 32 -0.69 5.66 16.84
N TYR B 33 -1.58 6.51 16.31
CA TYR B 33 -3.00 6.21 16.31
C TYR B 33 -3.30 5.28 15.15
N ILE B 34 -4.06 4.21 15.38
CA ILE B 34 -4.37 3.26 14.30
C ILE B 34 -5.83 3.43 13.93
N SER B 35 -6.10 3.66 12.61
CA SER B 35 -7.45 3.77 12.10
C SER B 35 -7.77 2.53 11.26
N TRP B 36 -9.04 2.21 11.24
CA TRP B 36 -9.60 1.25 10.25
C TRP B 36 -10.52 2.04 9.32
N VAL B 37 -10.37 1.80 8.01
CA VAL B 37 -11.08 2.53 6.98
C VAL B 37 -11.59 1.48 5.99
N ARG B 38 -12.84 1.60 5.55
CA ARG B 38 -13.28 0.60 4.56
C ARG B 38 -13.80 1.25 3.28
N GLN B 39 -13.94 0.41 2.24
CA GLN B 39 -14.30 0.96 0.94
C GLN B 39 -15.15 -0.08 0.22
N ALA B 40 -16.45 0.18 0.14
CA ALA B 40 -17.30 -0.75 -0.60
C ALA B 40 -17.08 -0.62 -2.10
N PRO B 41 -17.39 -1.72 -2.87
CA PRO B 41 -17.18 -1.68 -4.31
C PRO B 41 -17.84 -0.46 -4.95
N GLY B 42 -17.03 0.35 -5.61
CA GLY B 42 -17.50 1.50 -6.33
C GLY B 42 -17.68 2.78 -5.54
N ARG B 43 -17.40 2.79 -4.23
CA ARG B 43 -17.68 3.92 -3.38
C ARG B 43 -16.37 4.47 -2.83
N GLY B 44 -16.47 5.58 -2.13
CA GLY B 44 -15.29 6.20 -1.53
C GLY B 44 -14.99 5.59 -0.17
N PRO B 45 -13.83 5.95 0.42
CA PRO B 45 -13.47 5.39 1.74
C PRO B 45 -14.41 5.90 2.82
N GLU B 46 -14.56 5.08 3.86
CA GLU B 46 -15.38 5.36 5.03
C GLU B 46 -14.53 5.01 6.23
N TRP B 47 -14.25 6.00 7.08
CA TRP B 47 -13.54 5.72 8.31
C TRP B 47 -14.40 4.91 9.26
N VAL B 48 -13.84 3.85 9.81
CA VAL B 48 -14.58 2.96 10.69
C VAL B 48 -14.32 3.31 12.15
N GLY B 49 -13.06 3.62 12.46
CA GLY B 49 -12.77 3.96 13.86
C GLY B 49 -11.28 4.10 14.04
N PHE B 50 -10.89 4.43 15.28
CA PHE B 50 -9.45 4.37 15.56
C PHE B 50 -9.21 4.13 17.04
N ILE B 51 -7.96 3.88 17.35
CA ILE B 51 -7.53 3.69 18.71
C ILE B 51 -6.29 4.57 18.88
N ARG B 52 -6.24 5.31 20.00
CA ARG B 52 -5.22 6.34 20.12
C ARG B 52 -3.91 5.73 20.58
N ASN B 53 -2.87 6.56 20.70
CA ASN B 53 -1.58 5.99 21.08
C ASN B 53 -1.39 5.97 22.62
N VAL B 54 -0.16 5.70 23.04
CA VAL B 54 0.12 5.44 24.46
C VAL B 54 -0.20 6.63 25.38
N LEU B 55 -0.27 7.85 24.85
CA LEU B 55 -0.62 9.00 25.69
C LEU B 55 -2.07 8.98 26.14
N TYR B 56 -2.94 8.23 25.46
CA TYR B 56 -4.37 8.03 25.80
C TYR B 56 -4.69 6.55 25.72
N ARG B 57 -3.95 5.77 26.50
CA ARG B 57 -3.87 4.34 26.22
C ARG B 57 -5.23 3.70 25.99
N GLY B 58 -5.34 3.01 24.84
CA GLY B 58 -6.49 2.18 24.55
C GLY B 58 -7.78 2.89 24.20
N THR B 59 -7.80 4.22 24.17
CA THR B 59 -9.08 4.88 24.02
C THR B 59 -9.45 4.84 22.55
N THR B 60 -10.75 4.77 22.29
CA THR B 60 -11.23 4.49 20.92
C THR B 60 -12.31 5.48 20.52
N GLU B 61 -12.55 5.57 19.21
CA GLU B 61 -13.71 6.29 18.69
C GLU B 61 -14.21 5.55 17.46
N TYR B 62 -15.52 5.68 17.17
CA TYR B 62 -16.11 4.88 16.07
C TYR B 62 -17.06 5.72 15.24
N ALA B 63 -17.20 5.31 13.97
CA ALA B 63 -18.29 5.80 13.15
C ALA B 63 -19.63 5.37 13.76
N PRO B 64 -20.63 6.23 13.74
CA PRO B 64 -21.92 5.89 14.38
C PRO B 64 -22.52 4.57 13.91
N SER B 65 -22.37 4.25 12.63
CA SER B 65 -22.95 3.08 11.99
C SER B 65 -22.27 1.77 12.34
N VAL B 66 -21.11 1.79 13.00
CA VAL B 66 -20.52 0.56 13.49
C VAL B 66 -20.41 0.55 15.01
N LYS B 67 -20.69 1.65 15.69
CA LYS B 67 -20.55 1.66 17.14
C LYS B 67 -21.41 0.55 17.75
N GLY B 68 -20.87 -0.10 18.77
CA GLY B 68 -21.54 -1.22 19.39
C GLY B 68 -21.26 -2.58 18.72
N ARG B 69 -21.17 -2.63 17.39
CA ARG B 69 -20.94 -3.89 16.69
C ARG B 69 -19.49 -4.21 16.40
N PHE B 70 -18.65 -3.20 16.19
CA PHE B 70 -17.23 -3.36 15.91
C PHE B 70 -16.42 -2.88 17.12
N ILE B 71 -15.33 -3.58 17.43
CA ILE B 71 -14.47 -3.17 18.53
C ILE B 71 -13.04 -3.09 18.03
N ILE B 72 -12.38 -1.94 18.25
CA ILE B 72 -10.98 -1.81 17.85
C ILE B 72 -10.11 -2.05 19.09
N SER B 73 -9.03 -2.83 18.92
CA SER B 73 -8.12 -3.01 20.05
C SER B 73 -6.68 -3.03 19.56
N ARG B 74 -5.73 -2.97 20.49
CA ARG B 74 -4.35 -3.08 20.03
C ARG B 74 -3.55 -3.81 21.11
N ASP B 75 -2.50 -4.50 20.68
CA ASP B 75 -1.57 -5.17 21.59
C ASP B 75 -0.18 -4.68 21.24
N ASP B 76 0.34 -3.72 22.04
CA ASP B 76 1.56 -3.04 21.61
C ASP B 76 2.77 -3.95 21.72
N SER B 77 2.73 -4.89 22.66
CA SER B 77 3.82 -5.85 22.77
C SER B 77 3.95 -6.73 21.52
N ARG B 78 2.83 -7.07 20.87
CA ARG B 78 2.92 -7.81 19.61
C ARG B 78 2.93 -6.93 18.36
N ALA B 79 2.78 -5.60 18.52
CA ALA B 79 2.70 -4.65 17.42
C ALA B 79 1.54 -5.04 16.49
N ILE B 80 0.36 -5.31 17.08
CA ILE B 80 -0.83 -5.55 16.27
C ILE B 80 -1.97 -4.67 16.70
N ALA B 81 -2.84 -4.33 15.73
CA ALA B 81 -4.12 -3.73 16.00
C ALA B 81 -5.18 -4.59 15.36
N SER B 82 -6.40 -4.58 15.94
CA SER B 82 -7.45 -5.47 15.43
C SER B 82 -8.77 -4.72 15.31
N LEU B 83 -9.63 -5.30 14.43
CA LEU B 83 -11.02 -4.88 14.28
C LEU B 83 -11.87 -6.14 14.47
N GLN B 84 -12.56 -6.24 15.60
CA GLN B 84 -13.47 -7.34 15.91
C GLN B 84 -14.86 -6.96 15.43
N MET B 85 -15.38 -7.66 14.42
CA MET B 85 -16.64 -7.33 13.78
C MET B 85 -17.66 -8.37 14.21
N ASN B 86 -18.60 -7.97 15.04
CA ASN B 86 -19.58 -8.94 15.50
C ASN B 86 -20.96 -8.82 14.86
N GLY B 87 -21.30 -7.68 14.25
CA GLY B 87 -22.58 -7.61 13.56
C GLY B 87 -22.64 -8.41 12.27
N LEU B 88 -21.97 -7.87 11.26
CA LEU B 88 -21.86 -8.51 9.96
C LEU B 88 -23.19 -8.68 9.27
N LYS B 89 -23.60 -7.58 8.67
CA LYS B 89 -24.57 -7.57 7.59
C LYS B 89 -23.88 -7.61 6.22
N ALA B 90 -24.63 -8.01 5.21
CA ALA B 90 -24.09 -8.05 3.84
C ALA B 90 -23.55 -6.69 3.36
N ASP B 91 -24.17 -5.58 3.78
CA ASP B 91 -23.65 -4.21 3.66
C ASP B 91 -22.24 -4.00 4.16
N ASP B 92 -21.74 -4.87 5.04
CA ASP B 92 -20.37 -4.68 5.50
C ASP B 92 -19.34 -5.20 4.49
N THR B 93 -19.77 -5.75 3.36
CA THR B 93 -18.82 -6.22 2.36
C THR B 93 -18.05 -5.04 1.82
N ALA B 94 -16.72 -5.13 1.84
CA ALA B 94 -15.88 -3.96 1.51
C ALA B 94 -14.42 -4.39 1.59
N VAL B 95 -13.53 -3.56 1.01
CA VAL B 95 -12.09 -3.67 1.29
C VAL B 95 -11.83 -2.90 2.57
N TYR B 96 -11.17 -3.54 3.55
CA TYR B 96 -10.81 -2.92 4.83
C TYR B 96 -9.32 -2.64 4.86
N TYR B 97 -8.96 -1.41 5.26
CA TYR B 97 -7.59 -0.97 5.44
C TYR B 97 -7.33 -0.64 6.90
N CYS B 98 -6.15 -1.01 7.39
CA CYS B 98 -5.65 -0.28 8.58
C CYS B 98 -4.74 0.84 8.13
N ALA B 99 -4.61 1.89 8.96
CA ALA B 99 -3.81 3.01 8.48
C ALA B 99 -3.33 3.76 9.70
N LEU B 100 -2.21 4.45 9.52
CA LEU B 100 -1.62 5.27 10.59
C LEU B 100 -2.09 6.71 10.50
N GLY B 101 -2.34 7.34 11.66
CA GLY B 101 -2.59 8.77 11.67
C GLY B 101 -1.31 9.51 11.38
N ALA B 102 -1.38 10.48 10.46
CA ALA B 102 -0.17 11.19 10.06
C ALA B 102 0.38 12.10 11.18
N SER B 103 -0.50 12.64 12.00
CA SER B 103 -0.11 13.60 13.06
C SER B 103 -0.27 13.06 14.47
N GLY B 104 -1.09 12.03 14.68
CA GLY B 104 -1.22 11.51 16.05
C GLY B 104 -2.12 12.40 16.87
N THR B 105 -3.21 12.85 16.26
CA THR B 105 -4.17 13.72 16.89
C THR B 105 -5.59 13.28 16.55
N ASP B 106 -6.56 14.01 17.10
CA ASP B 106 -7.95 13.81 16.70
C ASP B 106 -8.36 14.66 15.51
N ARG B 107 -7.39 15.31 14.83
CA ARG B 107 -7.62 16.16 13.65
C ARG B 107 -6.78 15.61 12.53
N ASP B 108 -7.03 14.34 12.13
CA ASP B 108 -5.96 13.58 11.46
C ASP B 108 -6.34 13.06 10.09
N TRP B 109 -5.30 12.85 9.30
CA TRP B 109 -5.36 12.23 7.95
C TRP B 109 -4.39 11.05 7.96
N PHE B 110 -4.41 10.25 6.88
CA PHE B 110 -3.75 8.93 6.93
C PHE B 110 -2.67 8.84 5.85
N ASP B 111 -1.40 8.76 6.27
CA ASP B 111 -0.31 8.76 5.30
C ASP B 111 0.32 7.42 5.08
N VAL B 112 -0.02 6.43 5.89
CA VAL B 112 0.50 5.07 5.75
C VAL B 112 -0.68 4.13 5.80
N TRP B 113 -0.86 3.34 4.74
CA TRP B 113 -1.98 2.42 4.66
C TRP B 113 -1.48 0.98 4.47
N GLY B 114 -2.19 0.06 5.08
CA GLY B 114 -2.04 -1.33 4.67
C GLY B 114 -2.64 -1.56 3.31
N PRO B 115 -2.40 -2.74 2.76
CA PRO B 115 -2.76 -3.01 1.35
C PRO B 115 -4.28 -3.14 1.12
N GLY B 116 -5.04 -3.41 2.16
CA GLY B 116 -6.48 -3.60 2.12
C GLY B 116 -6.78 -5.08 1.97
N VAL B 117 -7.80 -5.61 2.64
CA VAL B 117 -8.27 -6.98 2.46
C VAL B 117 -9.75 -6.97 2.15
N LEU B 118 -10.18 -7.78 1.16
CA LEU B 118 -11.60 -7.82 0.84
C LEU B 118 -12.33 -8.77 1.78
N VAL B 119 -13.37 -8.27 2.48
CA VAL B 119 -14.28 -9.06 3.31
C VAL B 119 -15.61 -9.19 2.56
N THR B 120 -16.03 -10.43 2.32
CA THR B 120 -17.28 -10.69 1.59
C THR B 120 -18.23 -11.30 2.60
N VAL B 121 -19.34 -10.62 2.88
CA VAL B 121 -20.31 -11.11 3.84
C VAL B 121 -21.41 -11.79 3.05
N SER B 122 -21.51 -13.11 3.22
CA SER B 122 -22.47 -13.85 2.38
C SER B 122 -22.78 -15.17 3.06
N SER B 123 -24.04 -15.64 2.93
CA SER B 123 -24.40 -16.98 3.42
C SER B 123 -24.16 -17.92 2.28
N ALA B 124 -23.04 -18.59 2.33
CA ALA B 124 -22.48 -19.22 1.15
C ALA B 124 -21.24 -19.96 1.59
N SER B 125 -20.76 -20.81 0.68
CA SER B 125 -19.57 -21.64 0.85
C SER B 125 -18.51 -21.20 -0.16
N THR B 126 -17.25 -21.36 0.23
CA THR B 126 -16.15 -21.01 -0.67
C THR B 126 -16.07 -22.06 -1.78
N LYS B 127 -15.58 -21.64 -2.97
CA LYS B 127 -15.30 -22.56 -4.07
C LYS B 127 -14.02 -22.13 -4.73
N GLY B 128 -13.08 -23.06 -4.88
CA GLY B 128 -11.84 -22.78 -5.57
C GLY B 128 -12.00 -22.81 -7.09
N PRO B 129 -11.16 -22.08 -7.81
CA PRO B 129 -11.33 -22.01 -9.27
C PRO B 129 -10.76 -23.22 -10.02
N SER B 130 -11.30 -23.44 -11.23
CA SER B 130 -10.55 -24.20 -12.23
C SER B 130 -9.70 -23.25 -13.04
N VAL B 131 -8.53 -23.70 -13.44
CA VAL B 131 -7.64 -22.83 -14.20
C VAL B 131 -7.39 -23.50 -15.55
N PHE B 132 -7.72 -22.79 -16.64
CA PHE B 132 -7.50 -23.34 -17.97
C PHE B 132 -6.54 -22.49 -18.79
N PRO B 133 -5.70 -23.10 -19.62
CA PRO B 133 -4.80 -22.30 -20.45
C PRO B 133 -5.51 -21.58 -21.58
N LEU B 134 -4.98 -20.41 -21.93
CA LEU B 134 -5.34 -19.63 -23.11
C LEU B 134 -4.10 -19.69 -23.99
N ALA B 135 -4.03 -20.76 -24.84
CA ALA B 135 -2.72 -21.07 -25.40
C ALA B 135 -2.43 -20.16 -26.58
N PRO B 136 -1.18 -19.76 -26.77
CA PRO B 136 -0.89 -18.93 -27.94
C PRO B 136 -0.94 -19.80 -29.21
N SER B 137 -1.40 -19.19 -30.30
CA SER B 137 -1.53 -19.88 -31.59
C SER B 137 -1.38 -18.84 -32.68
N SER B 138 -1.54 -19.29 -33.94
CA SER B 138 -1.54 -18.32 -35.03
C SER B 138 -2.66 -17.31 -34.84
N LYS B 139 -3.75 -17.73 -34.21
CA LYS B 139 -4.84 -16.80 -33.91
C LYS B 139 -4.47 -15.78 -32.82
N SER B 140 -3.27 -15.85 -32.24
CA SER B 140 -2.58 -14.68 -31.71
C SER B 140 -1.47 -14.18 -32.63
N THR B 141 -1.66 -14.24 -33.95
CA THR B 141 -0.83 -13.35 -34.74
C THR B 141 -1.08 -11.94 -34.25
N SER B 142 -0.03 -11.20 -33.86
CA SER B 142 -0.05 -9.78 -34.15
C SER B 142 1.15 -9.37 -35.00
N GLY B 143 2.35 -9.40 -34.45
CA GLY B 143 3.52 -9.09 -35.24
C GLY B 143 4.49 -10.24 -35.12
N GLY B 144 5.59 -9.94 -34.43
CA GLY B 144 6.41 -10.93 -33.78
C GLY B 144 6.01 -10.92 -32.32
N THR B 145 4.70 -10.79 -32.08
CA THR B 145 4.17 -10.70 -30.71
C THR B 145 3.06 -11.73 -30.54
N ALA B 146 3.08 -12.48 -29.44
CA ALA B 146 2.07 -13.47 -29.14
C ALA B 146 1.37 -13.16 -27.81
N ALA B 147 0.07 -13.41 -27.78
CA ALA B 147 -0.68 -13.30 -26.54
C ALA B 147 -1.00 -14.71 -26.04
N LEU B 148 -0.99 -14.87 -24.73
CA LEU B 148 -1.33 -16.12 -24.09
C LEU B 148 -1.85 -15.74 -22.72
N GLY B 149 -2.50 -16.67 -22.03
CA GLY B 149 -3.00 -16.35 -20.69
C GLY B 149 -3.59 -17.56 -19.99
N CYS B 150 -4.36 -17.29 -18.91
CA CYS B 150 -5.07 -18.33 -18.20
C CYS B 150 -6.47 -17.81 -17.89
N LEU B 151 -7.42 -18.69 -17.98
CA LEU B 151 -8.80 -18.44 -17.58
C LEU B 151 -9.01 -19.05 -16.20
N VAL B 152 -9.43 -18.23 -15.24
CA VAL B 152 -9.63 -18.67 -13.84
C VAL B 152 -11.12 -18.66 -13.57
N LYS B 153 -11.75 -19.82 -13.51
CA LYS B 153 -13.20 -19.91 -13.67
C LYS B 153 -13.87 -20.53 -12.47
N ASP B 154 -15.04 -19.98 -12.10
CA ASP B 154 -15.97 -20.58 -11.16
C ASP B 154 -15.41 -20.63 -9.75
N TYR B 155 -15.14 -19.45 -9.18
CA TYR B 155 -14.67 -19.38 -7.79
C TYR B 155 -15.54 -18.41 -7.00
N PHE B 156 -15.46 -18.54 -5.66
CA PHE B 156 -16.17 -17.65 -4.77
C PHE B 156 -15.54 -17.74 -3.38
N PRO B 157 -15.33 -16.63 -2.71
CA PRO B 157 -15.58 -15.24 -3.14
C PRO B 157 -14.40 -14.71 -3.89
N GLU B 158 -14.46 -13.45 -4.30
CA GLU B 158 -13.24 -12.77 -4.66
C GLU B 158 -12.36 -12.62 -3.42
N PRO B 159 -11.06 -12.43 -3.59
CA PRO B 159 -10.33 -12.29 -4.85
C PRO B 159 -9.46 -13.48 -5.13
N VAL B 160 -8.93 -13.46 -6.33
CA VAL B 160 -7.90 -14.35 -6.81
C VAL B 160 -6.66 -13.52 -7.16
N THR B 161 -5.46 -14.03 -6.89
CA THR B 161 -4.28 -13.39 -7.45
C THR B 161 -3.67 -14.26 -8.54
N VAL B 162 -3.07 -13.60 -9.51
CA VAL B 162 -2.38 -14.28 -10.60
C VAL B 162 -1.01 -13.66 -10.76
N SER B 163 0.02 -14.47 -10.80
CA SER B 163 1.31 -13.98 -11.26
C SER B 163 1.77 -14.85 -12.42
N TRP B 164 2.84 -14.44 -13.08
CA TRP B 164 3.42 -15.17 -14.22
C TRP B 164 4.88 -15.52 -13.91
N ASN B 165 5.24 -16.79 -14.13
CA ASN B 165 6.59 -17.27 -13.85
C ASN B 165 7.04 -16.85 -12.45
N SER B 166 6.13 -16.98 -11.51
CA SER B 166 6.43 -16.69 -10.08
C SER B 166 6.85 -15.25 -9.85
N GLY B 167 6.24 -14.33 -10.58
CA GLY B 167 6.59 -12.91 -10.49
C GLY B 167 7.76 -12.45 -11.35
N ALA B 168 8.48 -13.36 -12.01
CA ALA B 168 9.56 -12.92 -12.91
C ALA B 168 9.03 -12.25 -14.17
N LEU B 169 7.79 -12.54 -14.56
CA LEU B 169 7.25 -11.97 -15.77
C LEU B 169 6.20 -10.94 -15.40
N THR B 170 6.47 -9.67 -15.72
CA THR B 170 5.54 -8.62 -15.30
C THR B 170 5.19 -7.67 -16.43
N SER B 171 6.13 -7.38 -17.31
CA SER B 171 5.83 -6.49 -18.42
C SER B 171 4.86 -7.17 -19.38
N GLY B 172 3.85 -6.42 -19.85
CA GLY B 172 2.90 -6.97 -20.80
C GLY B 172 1.74 -7.74 -20.20
N VAL B 173 1.69 -7.89 -18.88
CA VAL B 173 0.62 -8.62 -18.22
C VAL B 173 -0.61 -7.71 -18.11
N HIS B 174 -1.79 -8.26 -18.41
CA HIS B 174 -3.07 -7.64 -18.03
C HIS B 174 -3.90 -8.67 -17.31
N THR B 175 -4.23 -8.41 -16.03
CA THR B 175 -5.19 -9.27 -15.31
C THR B 175 -6.51 -8.53 -15.19
N PHE B 176 -7.54 -9.09 -15.77
CA PHE B 176 -8.81 -8.39 -15.86
C PHE B 176 -9.63 -8.45 -14.58
N PRO B 177 -10.46 -7.44 -14.34
CA PRO B 177 -11.43 -7.53 -13.25
C PRO B 177 -12.29 -8.77 -13.45
N ALA B 178 -12.63 -9.45 -12.35
CA ALA B 178 -13.52 -10.62 -12.50
C ALA B 178 -14.93 -10.18 -12.92
N VAL B 179 -15.66 -11.11 -13.52
CA VAL B 179 -17.08 -10.93 -13.79
C VAL B 179 -17.85 -11.94 -12.95
N LEU B 180 -19.00 -11.52 -12.45
CA LEU B 180 -19.91 -12.41 -11.73
C LEU B 180 -20.78 -13.13 -12.74
N GLN B 181 -20.67 -14.45 -12.77
CA GLN B 181 -21.49 -15.24 -13.67
C GLN B 181 -22.89 -15.48 -13.10
N SER B 182 -23.80 -15.85 -13.99
CA SER B 182 -25.17 -16.14 -13.57
C SER B 182 -25.23 -17.28 -12.56
N SER B 183 -24.23 -18.14 -12.51
CA SER B 183 -24.16 -19.14 -11.46
C SER B 183 -23.90 -18.55 -10.08
N GLY B 184 -23.54 -17.26 -9.99
CA GLY B 184 -23.06 -16.70 -8.73
C GLY B 184 -21.60 -16.98 -8.41
N LEU B 185 -20.85 -17.55 -9.34
CA LEU B 185 -19.40 -17.68 -9.24
C LEU B 185 -18.69 -16.71 -10.18
N TYR B 186 -17.49 -16.31 -9.78
CA TYR B 186 -16.69 -15.34 -10.50
C TYR B 186 -15.85 -16.04 -11.55
N SER B 187 -15.42 -15.28 -12.53
CA SER B 187 -14.47 -15.76 -13.51
C SER B 187 -13.61 -14.59 -13.93
N LEU B 188 -12.35 -14.87 -14.21
CA LEU B 188 -11.39 -13.86 -14.53
C LEU B 188 -10.43 -14.42 -15.58
N SER B 189 -9.84 -13.58 -16.43
CA SER B 189 -8.68 -14.05 -17.18
C SER B 189 -7.49 -13.15 -16.97
N SER B 190 -6.30 -13.72 -17.16
CA SER B 190 -5.06 -12.96 -17.10
C SER B 190 -4.30 -13.29 -18.37
N VAL B 191 -3.86 -12.26 -19.10
CA VAL B 191 -3.11 -12.46 -20.33
C VAL B 191 -1.77 -11.76 -20.25
N VAL B 192 -0.84 -12.18 -21.10
CA VAL B 192 0.44 -11.51 -21.23
C VAL B 192 0.87 -11.61 -22.68
N THR B 193 1.58 -10.59 -23.14
CA THR B 193 2.11 -10.58 -24.51
C THR B 193 3.61 -10.70 -24.47
N VAL B 194 4.13 -11.56 -25.33
CA VAL B 194 5.56 -11.90 -25.33
C VAL B 194 6.03 -11.96 -26.77
N PRO B 195 7.34 -11.89 -27.00
CA PRO B 195 7.84 -12.12 -28.36
C PRO B 195 7.49 -13.53 -28.82
N SER B 196 7.13 -13.62 -30.11
CA SER B 196 6.86 -14.93 -30.71
C SER B 196 8.06 -15.85 -30.62
N SER B 197 9.24 -15.31 -30.84
CA SER B 197 10.40 -16.18 -30.89
C SER B 197 10.72 -16.79 -29.54
N SER B 198 10.05 -16.33 -28.45
CA SER B 198 10.28 -16.89 -27.13
C SER B 198 9.43 -18.13 -26.86
N LEU B 199 8.42 -18.41 -27.68
CA LEU B 199 7.44 -19.45 -27.31
C LEU B 199 8.04 -20.84 -27.29
N GLY B 200 9.09 -21.09 -28.09
CA GLY B 200 9.65 -22.44 -28.10
C GLY B 200 10.64 -22.71 -26.97
N THR B 201 11.20 -21.67 -26.38
CA THR B 201 12.33 -21.84 -25.50
C THR B 201 12.12 -21.26 -24.11
N GLN B 202 11.00 -20.59 -23.87
CA GLN B 202 10.64 -20.03 -22.58
C GLN B 202 9.34 -20.65 -22.15
N THR B 203 9.36 -21.31 -21.00
CA THR B 203 8.11 -21.82 -20.44
C THR B 203 7.34 -20.69 -19.76
N TYR B 204 6.03 -20.63 -19.98
CA TYR B 204 5.16 -19.65 -19.31
C TYR B 204 4.17 -20.37 -18.41
N ILE B 205 4.10 -19.93 -17.13
CA ILE B 205 3.31 -20.56 -16.10
C ILE B 205 2.50 -19.48 -15.39
N CYS B 206 1.20 -19.68 -15.27
CA CYS B 206 0.42 -18.74 -14.48
C CYS B 206 0.22 -19.34 -13.10
N ASN B 207 0.54 -18.56 -12.08
CA ASN B 207 0.47 -18.97 -10.69
C ASN B 207 -0.80 -18.35 -10.13
N VAL B 208 -1.79 -19.16 -9.84
CA VAL B 208 -3.10 -18.71 -9.39
C VAL B 208 -3.23 -19.02 -7.91
N ASN B 209 -3.63 -18.04 -7.11
CA ASN B 209 -3.86 -18.34 -5.68
C ASN B 209 -5.23 -17.80 -5.30
N HIS B 210 -6.09 -18.65 -4.75
CA HIS B 210 -7.42 -18.26 -4.28
C HIS B 210 -7.38 -18.50 -2.77
N LYS B 211 -6.94 -17.49 -2.04
CA LYS B 211 -6.75 -17.71 -0.60
C LYS B 211 -8.03 -18.15 0.12
N PRO B 212 -9.24 -17.65 -0.19
CA PRO B 212 -10.41 -18.09 0.59
C PRO B 212 -10.69 -19.61 0.58
N SER B 213 -10.11 -20.37 -0.33
CA SER B 213 -10.30 -21.82 -0.38
C SER B 213 -8.97 -22.56 -0.26
N ASN B 214 -7.91 -21.79 -0.08
CA ASN B 214 -6.55 -22.28 -0.10
C ASN B 214 -6.23 -23.03 -1.38
N THR B 215 -6.80 -22.58 -2.52
CA THR B 215 -6.51 -23.23 -3.78
C THR B 215 -5.31 -22.55 -4.41
N LYS B 216 -4.24 -23.29 -4.68
CA LYS B 216 -3.08 -22.78 -5.42
C LYS B 216 -2.88 -23.68 -6.63
N VAL B 217 -2.75 -23.08 -7.81
CA VAL B 217 -2.60 -23.83 -9.07
C VAL B 217 -1.49 -23.14 -9.86
N ASP B 218 -0.54 -23.91 -10.37
CA ASP B 218 0.44 -23.41 -11.33
C ASP B 218 0.15 -24.11 -12.66
N LYS B 219 -0.19 -23.34 -13.70
CA LYS B 219 -0.63 -23.94 -14.95
C LYS B 219 0.36 -23.55 -16.03
N LYS B 220 0.98 -24.56 -16.64
CA LYS B 220 1.80 -24.29 -17.82
C LYS B 220 0.89 -23.97 -19.00
N VAL B 221 1.23 -22.95 -19.75
CA VAL B 221 0.45 -22.54 -20.92
C VAL B 221 1.31 -22.84 -22.13
N GLU B 222 0.97 -23.94 -22.82
CA GLU B 222 1.90 -24.25 -23.92
C GLU B 222 1.38 -23.82 -25.28
N PRO B 223 2.32 -23.52 -26.19
CA PRO B 223 1.96 -23.09 -27.54
C PRO B 223 1.20 -24.18 -28.27
N LYS B 224 0.23 -23.77 -29.06
CA LYS B 224 -0.44 -24.72 -29.95
C LYS B 224 0.20 -24.62 -31.31
N SER B 225 0.11 -25.71 -32.06
CA SER B 225 0.58 -25.74 -33.44
C SER B 225 -0.52 -25.41 -34.41
N CYS B 226 -1.46 -24.53 -34.02
CA CYS B 226 -2.58 -24.15 -34.87
C CYS B 226 -2.43 -22.71 -35.31
N ASP C 1 -22.37 15.83 12.13
CA ASP C 1 -21.58 14.90 11.32
C ASP C 1 -21.40 15.41 9.88
N ILE C 2 -20.15 15.63 9.45
CA ILE C 2 -19.87 16.56 8.35
C ILE C 2 -19.91 15.88 6.99
N GLN C 3 -20.79 16.34 6.11
CA GLN C 3 -20.92 15.74 4.78
C GLN C 3 -20.04 16.45 3.79
N MET C 4 -19.27 15.67 3.03
CA MET C 4 -18.35 16.17 2.01
C MET C 4 -18.90 15.84 0.64
N THR C 5 -18.89 16.84 -0.23
CA THR C 5 -19.28 16.64 -1.62
C THR C 5 -18.15 17.09 -2.52
N GLN C 6 -18.09 16.52 -3.75
CA GLN C 6 -17.05 16.84 -4.71
C GLN C 6 -17.67 17.07 -6.08
N SER C 7 -16.92 17.80 -6.89
CA SER C 7 -17.36 18.11 -8.25
C SER C 7 -16.11 18.33 -9.08
N PRO C 8 -16.11 17.92 -10.35
CA PRO C 8 -17.11 17.12 -11.06
C PRO C 8 -17.03 15.65 -10.67
N SER C 9 -18.00 14.85 -11.09
CA SER C 9 -17.95 13.40 -10.90
C SER C 9 -16.72 12.83 -11.56
N SER C 10 -16.41 13.29 -12.76
CA SER C 10 -15.27 12.77 -13.50
C SER C 10 -14.87 13.85 -14.48
N LEU C 11 -13.66 13.71 -15.01
CA LEU C 11 -13.17 14.61 -16.04
C LEU C 11 -12.08 13.93 -16.82
N SER C 12 -11.94 14.34 -18.08
CA SER C 12 -10.92 13.86 -18.99
C SER C 12 -10.02 15.04 -19.37
N ALA C 13 -8.71 14.84 -19.41
CA ALA C 13 -7.83 15.93 -19.83
C ALA C 13 -6.60 15.32 -20.47
N SER C 14 -5.87 16.14 -21.23
CA SER C 14 -4.69 15.64 -21.92
C SER C 14 -3.45 15.87 -21.11
N VAL C 15 -2.41 15.11 -21.43
CA VAL C 15 -1.13 15.29 -20.77
C VAL C 15 -0.67 16.74 -20.94
N GLY C 16 -0.29 17.38 -19.83
CA GLY C 16 0.20 18.74 -19.83
C GLY C 16 -0.84 19.75 -19.41
N ASP C 17 -2.10 19.38 -19.39
CA ASP C 17 -3.13 20.30 -18.95
C ASP C 17 -3.09 20.54 -17.45
N THR C 18 -3.82 21.57 -17.04
CA THR C 18 -4.10 21.84 -15.66
C THR C 18 -5.54 21.45 -15.39
N VAL C 19 -5.76 20.70 -14.32
CA VAL C 19 -7.07 20.18 -13.94
C VAL C 19 -7.44 20.76 -12.59
N THR C 20 -8.71 21.09 -12.39
CA THR C 20 -9.17 21.62 -11.12
C THR C 20 -10.39 20.83 -10.62
N ILE C 21 -10.35 20.41 -9.37
CA ILE C 21 -11.42 19.64 -8.73
C ILE C 21 -11.81 20.30 -7.43
N THR C 22 -13.10 20.20 -7.06
CA THR C 22 -13.53 20.93 -5.88
C THR C 22 -14.19 20.02 -4.87
N CYS C 23 -14.21 20.50 -3.65
CA CYS C 23 -14.71 19.76 -2.50
C CYS C 23 -15.42 20.77 -1.63
N ARG C 24 -16.53 20.36 -1.02
CA ARG C 24 -17.23 21.24 -0.11
C ARG C 24 -17.63 20.45 1.13
N ALA C 25 -17.49 21.09 2.29
CA ALA C 25 -17.92 20.57 3.58
C ALA C 25 -19.27 21.17 3.95
N SER C 26 -20.07 20.39 4.66
CA SER C 26 -21.41 20.81 5.06
C SER C 26 -21.36 21.82 6.21
N GLN C 27 -20.18 22.04 6.83
CA GLN C 27 -20.01 23.08 7.83
C GLN C 27 -18.56 23.50 7.83
N ASP C 28 -18.29 24.64 8.47
CA ASP C 28 -16.96 25.23 8.52
C ASP C 28 -15.97 24.24 9.15
N ILE C 29 -14.89 23.94 8.42
CA ILE C 29 -13.80 23.09 8.90
C ILE C 29 -12.46 23.84 8.91
N SER C 30 -12.50 25.18 8.85
CA SER C 30 -11.30 26.01 8.84
C SER C 30 -10.42 25.54 7.69
N ASN C 31 -9.19 25.08 7.90
CA ASN C 31 -8.49 24.58 6.74
C ASN C 31 -8.10 23.11 6.92
N SER C 32 -8.87 22.38 7.74
CA SER C 32 -8.57 20.97 8.01
C SER C 32 -9.19 20.06 6.93
N LEU C 33 -8.55 20.11 5.75
CA LEU C 33 -9.03 19.40 4.56
C LEU C 33 -7.84 18.66 3.96
N ALA C 34 -7.95 17.34 3.75
CA ALA C 34 -6.90 16.60 3.05
C ALA C 34 -7.40 16.08 1.68
N TRP C 35 -6.42 15.82 0.80
CA TRP C 35 -6.71 15.27 -0.51
C TRP C 35 -5.90 14.00 -0.70
N TYR C 36 -6.56 12.96 -1.23
CA TYR C 36 -5.95 11.68 -1.56
C TYR C 36 -6.06 11.39 -3.05
N GLN C 37 -5.10 10.59 -3.50
CA GLN C 37 -5.11 10.00 -4.84
C GLN C 37 -5.17 8.49 -4.70
N GLN C 38 -6.09 7.84 -5.43
CA GLN C 38 -6.23 6.39 -5.34
C GLN C 38 -6.15 5.81 -6.75
N LYS C 39 -5.07 5.04 -7.01
CA LYS C 39 -4.84 4.28 -8.25
C LYS C 39 -5.42 2.88 -8.14
N PRO C 40 -5.67 2.23 -9.29
CA PRO C 40 -6.35 0.92 -9.27
C PRO C 40 -5.67 -0.12 -8.40
N GLY C 41 -6.44 -0.81 -7.60
CA GLY C 41 -5.84 -1.87 -6.82
C GLY C 41 -5.10 -1.44 -5.57
N LYS C 42 -5.05 -0.14 -5.29
CA LYS C 42 -4.18 0.44 -4.27
C LYS C 42 -4.97 1.19 -3.20
N ALA C 43 -4.34 1.33 -2.00
CA ALA C 43 -4.90 2.20 -0.98
C ALA C 43 -4.79 3.66 -1.42
N PRO C 44 -5.64 4.53 -0.88
CA PRO C 44 -5.48 5.96 -1.19
C PRO C 44 -4.12 6.42 -0.69
N LYS C 45 -3.54 7.38 -1.44
CA LYS C 45 -2.28 8.03 -1.10
C LYS C 45 -2.54 9.49 -0.72
N ALA C 46 -2.09 9.90 0.46
CA ALA C 46 -2.32 11.27 0.93
C ALA C 46 -1.46 12.23 0.14
N LEU C 47 -2.09 13.24 -0.46
CA LEU C 47 -1.33 14.21 -1.25
C LEU C 47 -1.14 15.52 -0.49
N ILE C 48 -2.21 16.02 0.06
CA ILE C 48 -2.25 17.38 0.61
C ILE C 48 -2.96 17.32 1.95
N TYR C 49 -2.50 18.11 2.97
CA TYR C 49 -3.25 18.18 4.23
C TYR C 49 -3.28 19.61 4.74
N TYR C 50 -4.20 19.90 5.68
CA TYR C 50 -4.45 21.27 6.12
C TYR C 50 -4.56 22.17 4.90
N ALA C 51 -5.31 21.65 3.91
CA ALA C 51 -5.82 22.31 2.70
C ALA C 51 -4.78 22.69 1.65
N SER C 52 -3.53 22.92 2.04
CA SER C 52 -2.56 23.36 1.03
C SER C 52 -1.15 22.82 1.26
N ASN C 53 -0.95 21.89 2.20
CA ASN C 53 0.40 21.47 2.54
C ASN C 53 0.68 20.15 1.88
N LEU C 54 1.82 20.02 1.21
CA LEU C 54 2.16 18.77 0.51
C LEU C 54 2.69 17.73 1.50
N GLU C 55 2.28 16.48 1.30
CA GLU C 55 2.94 15.38 1.99
C GLU C 55 4.34 15.18 1.41
N SER C 56 5.23 14.56 2.20
CA SER C 56 6.59 14.40 1.71
C SER C 56 6.60 13.57 0.45
N GLY C 57 7.47 13.97 -0.46
CA GLY C 57 7.67 13.26 -1.69
C GLY C 57 6.62 13.50 -2.75
N VAL C 58 5.60 14.31 -2.47
CA VAL C 58 4.55 14.59 -3.45
C VAL C 58 4.97 15.71 -4.41
N PRO C 59 4.88 15.52 -5.73
CA PRO C 59 5.36 16.57 -6.67
C PRO C 59 4.64 17.90 -6.51
N SER C 60 5.34 18.98 -6.80
CA SER C 60 4.76 20.29 -6.58
C SER C 60 3.70 20.64 -7.64
N ARG C 61 3.53 19.82 -8.66
CA ARG C 61 2.43 20.07 -9.59
C ARG C 61 1.07 19.87 -8.92
N PHE C 62 1.04 19.28 -7.72
CA PHE C 62 -0.18 19.22 -6.92
C PHE C 62 -0.28 20.39 -5.97
N SER C 63 -1.44 21.07 -5.97
CA SER C 63 -1.59 22.17 -5.03
C SER C 63 -3.03 22.22 -4.54
N GLY C 64 -3.23 22.76 -3.34
CA GLY C 64 -4.56 22.85 -2.78
C GLY C 64 -4.80 24.23 -2.24
N SER C 65 -6.07 24.63 -2.24
CA SER C 65 -6.42 25.93 -1.72
C SER C 65 -7.78 25.85 -1.06
N GLY C 66 -8.10 26.89 -0.29
CA GLY C 66 -9.42 27.01 0.30
C GLY C 66 -9.40 27.02 1.80
N SER C 67 -10.45 27.58 2.40
CA SER C 67 -10.61 27.58 3.85
C SER C 67 -12.08 27.80 4.14
N GLY C 68 -12.59 27.15 5.17
CA GLY C 68 -13.98 27.31 5.56
C GLY C 68 -14.78 26.13 5.07
N THR C 69 -15.54 26.27 3.97
CA THR C 69 -16.29 25.13 3.44
C THR C 69 -15.91 24.70 2.05
N ASP C 70 -15.27 25.56 1.26
CA ASP C 70 -15.03 25.27 -0.15
C ASP C 70 -13.53 25.13 -0.38
N PHE C 71 -13.13 24.06 -1.06
CA PHE C 71 -11.71 23.73 -1.28
C PHE C 71 -11.48 23.28 -2.70
N THR C 72 -10.24 23.46 -3.17
CA THR C 72 -9.91 23.21 -4.56
C THR C 72 -8.56 22.51 -4.63
N LEU C 73 -8.49 21.41 -5.35
CA LEU C 73 -7.24 20.74 -5.70
C LEU C 73 -6.90 21.07 -7.16
N THR C 74 -5.66 21.49 -7.41
CA THR C 74 -5.22 21.80 -8.79
C THR C 74 -4.06 20.90 -9.15
N ILE C 75 -4.15 20.20 -10.29
CA ILE C 75 -3.02 19.43 -10.81
C ILE C 75 -2.53 20.16 -12.04
N SER C 76 -1.31 20.69 -12.01
CA SER C 76 -0.81 21.32 -13.21
C SER C 76 0.06 20.28 -13.90
N SER C 77 0.28 20.46 -15.18
CA SER C 77 1.13 19.56 -15.97
C SER C 77 0.73 18.08 -15.79
N LEU C 78 -0.55 17.80 -16.08
CA LEU C 78 -1.11 16.46 -15.87
C LEU C 78 -0.26 15.41 -16.58
N GLN C 79 0.07 14.33 -15.85
CA GLN C 79 0.89 13.24 -16.39
C GLN C 79 0.06 11.97 -16.57
N PRO C 80 0.47 11.02 -17.45
CA PRO C 80 -0.28 9.76 -17.57
C PRO C 80 -0.44 9.03 -16.26
N GLU C 81 0.61 9.05 -15.44
CA GLU C 81 0.57 8.41 -14.11
C GLU C 81 -0.43 9.05 -13.15
N ASP C 82 -1.02 10.19 -13.51
CA ASP C 82 -1.96 10.83 -12.61
C ASP C 82 -3.38 10.30 -12.75
N PHE C 83 -3.63 9.38 -13.69
CA PHE C 83 -4.89 8.66 -13.72
C PHE C 83 -5.24 8.09 -12.32
N ALA C 84 -6.40 8.44 -11.78
CA ALA C 84 -6.74 8.01 -10.42
C ALA C 84 -8.09 8.60 -10.09
N THR C 85 -8.66 8.15 -8.97
CA THR C 85 -9.78 8.85 -8.34
C THR C 85 -9.23 9.69 -7.21
N TYR C 86 -9.67 10.93 -7.12
CA TYR C 86 -9.22 11.85 -6.06
C TYR C 86 -10.31 12.06 -5.03
N TYR C 87 -9.96 11.97 -3.76
CA TYR C 87 -10.92 12.11 -2.69
C TYR C 87 -10.51 13.25 -1.79
N CYS C 88 -11.48 14.02 -1.33
CA CYS C 88 -11.19 14.89 -0.19
C CYS C 88 -11.65 14.25 1.12
N GLN C 89 -11.04 14.69 2.24
CA GLN C 89 -11.36 14.22 3.58
C GLN C 89 -11.25 15.39 4.55
N GLN C 90 -12.32 15.71 5.26
CA GLN C 90 -12.13 16.69 6.34
C GLN C 90 -11.38 16.02 7.47
N HIS C 91 -10.39 16.72 8.03
CA HIS C 91 -9.74 16.18 9.22
C HIS C 91 -9.83 17.14 10.39
N ASN C 92 -10.98 17.80 10.52
CA ASN C 92 -11.14 18.65 11.71
C ASN C 92 -11.65 17.92 12.94
N ASN C 93 -12.36 16.80 12.80
CA ASN C 93 -12.89 16.07 13.93
C ASN C 93 -13.33 14.67 13.54
N TYR C 94 -13.51 13.84 14.60
CA TYR C 94 -13.37 12.39 14.90
C TYR C 94 -13.99 11.61 13.79
N PRO C 95 -15.35 11.61 13.55
CA PRO C 95 -15.79 10.76 12.43
C PRO C 95 -15.24 11.46 11.22
N PHE C 96 -14.08 10.95 10.73
CA PHE C 96 -13.43 11.58 9.60
C PHE C 96 -14.19 11.18 8.36
N THR C 97 -14.63 12.17 7.60
CA THR C 97 -15.52 11.89 6.46
C THR C 97 -14.87 12.30 5.15
N PHE C 98 -15.24 11.56 4.09
CA PHE C 98 -14.63 11.61 2.77
C PHE C 98 -15.68 12.05 1.74
N GLY C 99 -15.24 12.79 0.75
CA GLY C 99 -16.12 12.98 -0.41
C GLY C 99 -16.25 11.76 -1.28
N PRO C 100 -17.15 11.87 -2.26
CA PRO C 100 -17.47 10.69 -3.12
C PRO C 100 -16.45 10.42 -4.20
N GLY C 101 -15.49 11.32 -4.40
CA GLY C 101 -14.40 11.13 -5.34
C GLY C 101 -14.62 11.84 -6.68
N THR C 102 -13.53 12.19 -7.34
CA THR C 102 -13.56 12.64 -8.74
C THR C 102 -12.63 11.76 -9.54
N LYS C 103 -13.14 11.08 -10.60
CA LYS C 103 -12.23 10.33 -11.46
C LYS C 103 -11.56 11.27 -12.44
N VAL C 104 -10.24 11.15 -12.59
CA VAL C 104 -9.51 11.89 -13.61
C VAL C 104 -9.03 10.89 -14.66
N ASP C 105 -9.54 11.03 -15.89
CA ASP C 105 -9.14 10.21 -17.02
C ASP C 105 -8.16 10.98 -17.91
N ILE C 106 -7.27 10.24 -18.58
CA ILE C 106 -6.25 10.83 -19.45
C ILE C 106 -6.70 10.69 -20.91
N LYS C 107 -6.77 11.82 -21.62
CA LYS C 107 -7.07 11.80 -23.07
C LYS C 107 -5.75 11.70 -23.84
N ARG C 108 -5.72 10.85 -24.87
CA ARG C 108 -4.50 10.66 -25.65
C ARG C 108 -4.93 10.36 -27.10
N THR C 109 -3.96 10.12 -27.97
CA THR C 109 -4.32 9.88 -29.38
C THR C 109 -5.00 8.51 -29.54
N VAL C 110 -5.75 8.34 -30.64
CA VAL C 110 -6.41 7.05 -30.91
C VAL C 110 -5.36 5.97 -31.09
N ALA C 111 -5.60 4.79 -30.49
CA ALA C 111 -4.75 3.62 -30.77
C ALA C 111 -5.62 2.39 -31.01
N ALA C 112 -5.41 1.71 -32.16
CA ALA C 112 -6.35 0.63 -32.45
C ALA C 112 -6.00 -0.62 -31.64
N PRO C 113 -6.99 -1.45 -31.30
CA PRO C 113 -6.71 -2.69 -30.58
C PRO C 113 -5.99 -3.70 -31.45
N SER C 114 -5.07 -4.44 -30.82
CA SER C 114 -4.70 -5.77 -31.34
C SER C 114 -5.74 -6.79 -30.90
N VAL C 115 -6.20 -7.64 -31.81
CA VAL C 115 -7.31 -8.55 -31.50
C VAL C 115 -6.83 -9.98 -31.62
N PHE C 116 -7.11 -10.80 -30.60
CA PHE C 116 -6.65 -12.18 -30.51
C PHE C 116 -7.83 -13.05 -30.08
N ILE C 117 -7.85 -14.32 -30.51
CA ILE C 117 -8.94 -15.21 -30.11
C ILE C 117 -8.34 -16.51 -29.60
N PHE C 118 -9.01 -17.12 -28.60
CA PHE C 118 -8.56 -18.35 -27.95
C PHE C 118 -9.72 -19.33 -27.94
N PRO C 119 -9.63 -20.46 -28.64
CA PRO C 119 -10.64 -21.52 -28.48
C PRO C 119 -10.61 -22.12 -27.07
N PRO C 120 -11.64 -22.87 -26.70
CA PRO C 120 -11.61 -23.58 -25.42
C PRO C 120 -10.51 -24.62 -25.39
N SER C 121 -9.93 -24.77 -24.21
CA SER C 121 -8.94 -25.80 -23.98
C SER C 121 -9.63 -27.18 -23.93
N ASP C 122 -8.87 -28.20 -24.32
CA ASP C 122 -9.40 -29.56 -24.27
C ASP C 122 -9.72 -29.95 -22.83
N GLU C 123 -8.91 -29.44 -21.91
CA GLU C 123 -9.11 -29.71 -20.49
C GLU C 123 -10.47 -29.18 -20.03
N GLN C 124 -10.86 -27.98 -20.47
CA GLN C 124 -12.18 -27.48 -20.12
C GLN C 124 -13.28 -28.29 -20.80
N LEU C 125 -13.06 -28.65 -22.08
CA LEU C 125 -14.07 -29.40 -22.81
C LEU C 125 -14.42 -30.70 -22.09
N LYS C 126 -13.41 -31.32 -21.45
CA LYS C 126 -13.67 -32.55 -20.66
C LYS C 126 -14.73 -32.33 -19.60
N SER C 127 -14.88 -31.09 -19.13
CA SER C 127 -15.74 -30.77 -17.99
C SER C 127 -17.17 -30.39 -18.38
N GLY C 128 -17.50 -30.31 -19.68
CA GLY C 128 -18.89 -30.07 -20.10
C GLY C 128 -19.23 -28.66 -20.54
N THR C 129 -18.26 -27.73 -20.50
CA THR C 129 -18.49 -26.33 -20.84
C THR C 129 -17.35 -25.89 -21.75
N ALA C 130 -17.62 -24.93 -22.63
CA ALA C 130 -16.61 -24.40 -23.53
C ALA C 130 -16.60 -22.88 -23.37
N SER C 131 -15.43 -22.32 -23.07
CA SER C 131 -15.28 -20.88 -22.98
C SER C 131 -14.41 -20.41 -24.15
N VAL C 132 -14.90 -19.44 -24.93
CA VAL C 132 -14.12 -18.87 -26.01
C VAL C 132 -13.74 -17.47 -25.63
N VAL C 133 -12.48 -17.08 -25.84
CA VAL C 133 -12.02 -15.81 -25.25
C VAL C 133 -11.50 -14.91 -26.36
N CYS C 134 -11.95 -13.67 -26.40
CA CYS C 134 -11.48 -12.69 -27.38
C CYS C 134 -10.80 -11.56 -26.62
N LEU C 135 -9.57 -11.21 -27.01
CA LEU C 135 -8.80 -10.18 -26.34
C LEU C 135 -8.54 -8.97 -27.26
N LEU C 136 -8.85 -7.76 -26.76
CA LEU C 136 -8.51 -6.51 -27.43
C LEU C 136 -7.43 -5.85 -26.62
N ASN C 137 -6.26 -5.64 -27.22
CA ASN C 137 -5.12 -5.23 -26.41
C ASN C 137 -4.65 -3.82 -26.74
N ASN C 138 -4.50 -3.02 -25.67
CA ASN C 138 -3.77 -1.74 -25.66
C ASN C 138 -4.35 -0.74 -26.67
N PHE C 139 -5.58 -0.30 -26.40
CA PHE C 139 -6.24 0.60 -27.34
C PHE C 139 -6.74 1.85 -26.62
N TYR C 140 -7.05 2.88 -27.41
CA TYR C 140 -7.63 4.11 -26.91
C TYR C 140 -8.47 4.71 -28.02
N PRO C 141 -9.72 5.20 -27.74
CA PRO C 141 -10.39 5.29 -26.44
C PRO C 141 -11.00 3.96 -26.06
N ARG C 142 -11.63 3.92 -24.88
CA ARG C 142 -12.09 2.64 -24.35
C ARG C 142 -13.27 2.03 -25.10
N GLU C 143 -14.07 2.83 -25.83
CA GLU C 143 -15.28 2.27 -26.45
C GLU C 143 -14.95 1.44 -27.69
N ALA C 144 -15.32 0.19 -27.65
CA ALA C 144 -15.13 -0.75 -28.76
C ALA C 144 -16.29 -1.70 -28.66
N LYS C 145 -16.96 -1.96 -29.77
CA LYS C 145 -18.06 -2.92 -29.82
C LYS C 145 -17.50 -4.30 -30.16
N VAL C 146 -17.92 -5.31 -29.41
CA VAL C 146 -17.40 -6.67 -29.62
C VAL C 146 -18.60 -7.57 -29.83
N GLN C 147 -18.63 -8.26 -30.96
CA GLN C 147 -19.74 -9.13 -31.29
C GLN C 147 -19.23 -10.57 -31.40
N TRP C 148 -20.02 -11.53 -30.94
CA TRP C 148 -19.71 -12.93 -31.18
C TRP C 148 -20.61 -13.51 -32.29
N LYS C 149 -20.00 -14.19 -33.25
CA LYS C 149 -20.78 -14.89 -34.29
C LYS C 149 -20.39 -16.36 -34.34
N VAL C 150 -21.38 -17.25 -34.36
CA VAL C 150 -21.11 -18.69 -34.40
C VAL C 150 -21.82 -19.20 -35.65
N ASP C 151 -21.05 -19.67 -36.63
CA ASP C 151 -21.58 -19.96 -38.00
C ASP C 151 -22.43 -18.81 -38.51
N ASN C 152 -22.00 -17.59 -38.19
CA ASN C 152 -22.50 -16.31 -38.65
C ASN C 152 -23.80 -15.95 -37.93
N ALA C 153 -24.24 -16.73 -36.94
CA ALA C 153 -25.36 -16.29 -36.09
C ALA C 153 -24.82 -15.36 -35.03
N LEU C 154 -25.37 -14.14 -34.93
CA LEU C 154 -24.97 -13.21 -33.87
C LEU C 154 -25.39 -13.76 -32.51
N GLN C 155 -24.44 -13.82 -31.57
CA GLN C 155 -24.76 -14.39 -30.26
C GLN C 155 -25.32 -13.34 -29.32
N SER C 156 -26.24 -13.74 -28.44
CA SER C 156 -26.83 -12.79 -27.51
C SER C 156 -27.11 -13.46 -26.16
N GLY C 157 -26.74 -12.77 -25.07
CA GLY C 157 -27.04 -13.32 -23.74
C GLY C 157 -26.07 -14.36 -23.24
N ASN C 158 -24.97 -14.63 -23.96
CA ASN C 158 -24.05 -15.68 -23.51
C ASN C 158 -22.60 -15.23 -23.54
N SER C 159 -22.35 -13.92 -23.44
CA SER C 159 -20.97 -13.46 -23.34
C SER C 159 -20.87 -12.40 -22.26
N GLN C 160 -19.68 -12.29 -21.67
CA GLN C 160 -19.43 -11.24 -20.68
C GLN C 160 -18.10 -10.57 -20.99
N GLU C 161 -18.00 -9.28 -20.71
CA GLU C 161 -16.81 -8.49 -21.01
C GLU C 161 -16.23 -7.95 -19.70
N SER C 162 -14.91 -7.71 -19.73
CA SER C 162 -14.23 -7.01 -18.66
C SER C 162 -13.19 -6.09 -19.26
N VAL C 163 -12.93 -4.93 -18.65
CA VAL C 163 -11.96 -3.99 -19.19
C VAL C 163 -10.98 -3.58 -18.09
N THR C 164 -9.72 -3.38 -18.45
CA THR C 164 -8.75 -2.87 -17.50
C THR C 164 -8.93 -1.38 -17.28
N GLU C 165 -8.32 -0.89 -16.18
CA GLU C 165 -8.21 0.55 -16.01
C GLU C 165 -7.14 1.09 -16.95
N GLN C 166 -7.21 2.40 -17.14
CA GLN C 166 -6.24 3.09 -17.97
C GLN C 166 -4.82 2.83 -17.52
N ASP C 167 -3.97 2.48 -18.50
CA ASP C 167 -2.58 2.18 -18.19
C ASP C 167 -1.89 3.43 -17.65
N SER C 168 -1.15 3.25 -16.56
CA SER C 168 -0.49 4.40 -15.94
C SER C 168 0.66 4.96 -16.78
N LYS C 169 1.14 4.22 -17.77
CA LYS C 169 2.23 4.68 -18.61
C LYS C 169 1.76 5.18 -19.98
N ASP C 170 0.97 4.38 -20.71
CA ASP C 170 0.60 4.75 -22.08
C ASP C 170 -0.88 5.10 -22.24
N SER C 171 -1.65 5.08 -21.15
CA SER C 171 -3.04 5.52 -21.06
C SER C 171 -3.98 4.73 -21.97
N THR C 172 -3.60 3.50 -22.37
CA THR C 172 -4.49 2.63 -23.12
C THR C 172 -5.27 1.70 -22.19
N TYR C 173 -6.27 1.07 -22.77
CA TYR C 173 -7.07 0.03 -22.14
C TYR C 173 -6.87 -1.33 -22.82
N SER C 174 -7.22 -2.40 -22.11
CA SER C 174 -7.41 -3.70 -22.76
C SER C 174 -8.75 -4.27 -22.36
N LEU C 175 -9.26 -5.21 -23.16
CA LEU C 175 -10.61 -5.71 -22.94
C LEU C 175 -10.64 -7.20 -23.22
N SER C 176 -11.30 -7.97 -22.36
CA SER C 176 -11.53 -9.38 -22.67
C SER C 176 -13.03 -9.66 -22.76
N SER C 177 -13.45 -10.46 -23.74
CA SER C 177 -14.81 -10.92 -23.82
C SER C 177 -14.78 -12.44 -23.85
N THR C 178 -15.69 -13.05 -23.11
CA THR C 178 -15.77 -14.51 -22.98
C THR C 178 -17.15 -14.97 -23.40
N LEU C 179 -17.17 -15.89 -24.37
CA LEU C 179 -18.40 -16.53 -24.84
C LEU C 179 -18.47 -17.89 -24.17
N THR C 180 -19.56 -18.16 -23.46
CA THR C 180 -19.71 -19.44 -22.78
C THR C 180 -20.86 -20.25 -23.36
N LEU C 181 -20.56 -21.46 -23.78
CA LEU C 181 -21.64 -22.34 -24.23
C LEU C 181 -21.39 -23.75 -23.72
N SER C 182 -22.44 -24.57 -23.71
CA SER C 182 -22.23 -25.96 -23.31
C SER C 182 -21.30 -26.63 -24.30
N LYS C 183 -20.65 -27.71 -23.86
CA LYS C 183 -19.88 -28.49 -24.83
C LYS C 183 -20.76 -29.00 -25.95
N ALA C 184 -21.97 -29.45 -25.62
CA ALA C 184 -22.87 -29.94 -26.68
C ALA C 184 -23.08 -28.88 -27.78
N ASP C 185 -23.41 -27.66 -27.35
CA ASP C 185 -23.67 -26.58 -28.30
C ASP C 185 -22.39 -26.21 -29.03
N TYR C 186 -21.24 -26.23 -28.35
CA TYR C 186 -19.98 -25.92 -29.01
C TYR C 186 -19.70 -26.91 -30.14
N GLU C 187 -19.91 -28.19 -29.87
CA GLU C 187 -19.59 -29.22 -30.84
C GLU C 187 -20.58 -29.21 -32.01
N LYS C 188 -21.75 -28.58 -31.84
CA LYS C 188 -22.70 -28.48 -32.98
C LYS C 188 -22.24 -27.52 -34.06
N HIS C 189 -21.34 -26.58 -33.78
CA HIS C 189 -21.01 -25.56 -34.76
C HIS C 189 -19.54 -25.55 -35.11
N LYS C 190 -19.21 -24.77 -36.16
CA LYS C 190 -17.88 -24.82 -36.74
C LYS C 190 -17.13 -23.51 -36.70
N VAL C 191 -17.72 -22.40 -37.19
CA VAL C 191 -17.00 -21.12 -37.23
C VAL C 191 -17.25 -20.26 -35.99
N TYR C 192 -16.18 -19.95 -35.25
CA TYR C 192 -16.26 -19.09 -34.08
C TYR C 192 -15.57 -17.77 -34.41
N ALA C 193 -16.31 -16.66 -34.36
CA ALA C 193 -15.72 -15.38 -34.72
C ALA C 193 -15.98 -14.35 -33.64
N CYS C 194 -14.96 -13.54 -33.38
CA CYS C 194 -15.02 -12.31 -32.60
C CYS C 194 -14.85 -11.13 -33.56
N GLU C 195 -15.85 -10.25 -33.65
CA GLU C 195 -15.79 -9.05 -34.47
C GLU C 195 -15.68 -7.78 -33.64
N VAL C 196 -14.73 -6.92 -33.99
CA VAL C 196 -14.39 -5.74 -33.17
C VAL C 196 -14.55 -4.50 -34.01
N THR C 197 -15.32 -3.52 -33.50
CA THR C 197 -15.47 -2.19 -34.05
C THR C 197 -14.81 -1.17 -33.13
N HIS C 198 -13.95 -0.32 -33.70
CA HIS C 198 -13.25 0.67 -32.87
C HIS C 198 -12.81 1.84 -33.74
N GLN C 199 -12.70 3.02 -33.12
CA GLN C 199 -12.40 4.24 -33.89
C GLN C 199 -11.07 4.13 -34.61
N GLY C 200 -10.12 3.36 -34.08
CA GLY C 200 -8.80 3.20 -34.68
C GLY C 200 -8.75 2.25 -35.85
N LEU C 201 -9.86 1.59 -36.15
CA LEU C 201 -9.89 0.58 -37.20
C LEU C 201 -10.71 1.13 -38.35
N SER C 202 -10.14 1.16 -39.56
CA SER C 202 -10.87 1.72 -40.69
C SER C 202 -12.16 0.93 -41.00
N SER C 203 -12.16 -0.37 -40.77
CA SER C 203 -13.37 -1.16 -40.86
C SER C 203 -13.24 -2.25 -39.79
N PRO C 204 -14.35 -2.89 -39.41
CA PRO C 204 -14.29 -3.83 -38.27
C PRO C 204 -13.38 -4.99 -38.57
N VAL C 205 -12.80 -5.53 -37.52
CA VAL C 205 -11.83 -6.62 -37.59
C VAL C 205 -12.50 -7.86 -37.04
N THR C 206 -12.49 -8.94 -37.80
CA THR C 206 -13.01 -10.22 -37.32
C THR C 206 -11.86 -11.19 -37.16
N LYS C 207 -11.72 -11.77 -35.97
CA LYS C 207 -10.77 -12.87 -35.75
C LYS C 207 -11.57 -14.13 -35.49
N SER C 208 -11.26 -15.21 -36.20
CA SER C 208 -12.11 -16.38 -36.17
C SER C 208 -11.25 -17.64 -36.22
N PHE C 209 -11.87 -18.76 -35.87
CA PHE C 209 -11.26 -20.08 -36.00
C PHE C 209 -12.36 -21.07 -36.28
N ASN C 210 -12.00 -22.19 -36.91
CA ASN C 210 -12.90 -23.33 -37.14
C ASN C 210 -12.64 -24.38 -36.07
N ARG C 211 -13.68 -24.79 -35.34
CA ARG C 211 -13.52 -25.86 -34.35
C ARG C 211 -12.92 -27.09 -34.99
N GLY C 212 -11.81 -27.58 -34.43
CA GLY C 212 -11.17 -28.80 -34.90
C GLY C 212 -10.20 -28.65 -36.06
N GLU C 213 -9.72 -27.45 -36.34
CA GLU C 213 -8.65 -27.25 -37.32
C GLU C 213 -7.60 -26.30 -36.76
#